data_189D
# 
_entry.id   189D 
# 
_audit_conform.dict_name       mmcif_pdbx.dic 
_audit_conform.dict_version    5.385 
_audit_conform.dict_location   http://mmcif.pdb.org/dictionaries/ascii/mmcif_pdbx.dic 
# 
loop_
_database_2.database_id 
_database_2.database_code 
_database_2.pdbx_database_accession 
_database_2.pdbx_DOI 
PDB   189D         pdb_0000189d 10.2210/pdb189d/pdb 
RCSB  ADH058       ?            ?                   
WWPDB D_1000170197 ?            ?                   
# 
loop_
_pdbx_audit_revision_history.ordinal 
_pdbx_audit_revision_history.data_content_type 
_pdbx_audit_revision_history.major_revision 
_pdbx_audit_revision_history.minor_revision 
_pdbx_audit_revision_history.revision_date 
1 'Structure model' 1 0 1995-02-07 
2 'Structure model' 1 1 2008-05-22 
3 'Structure model' 1 2 2011-07-13 
4 'Structure model' 1 3 2024-02-07 
# 
_pdbx_audit_revision_details.ordinal             1 
_pdbx_audit_revision_details.revision_ordinal    1 
_pdbx_audit_revision_details.data_content_type   'Structure model' 
_pdbx_audit_revision_details.provider            repository 
_pdbx_audit_revision_details.type                'Initial release' 
_pdbx_audit_revision_details.description         ? 
_pdbx_audit_revision_details.details             ? 
# 
loop_
_pdbx_audit_revision_group.ordinal 
_pdbx_audit_revision_group.revision_ordinal 
_pdbx_audit_revision_group.data_content_type 
_pdbx_audit_revision_group.group 
1 2 'Structure model' 'Version format compliance' 
2 3 'Structure model' 'Version format compliance' 
3 4 'Structure model' 'Data collection'           
4 4 'Structure model' 'Database references'       
# 
loop_
_pdbx_audit_revision_category.ordinal 
_pdbx_audit_revision_category.revision_ordinal 
_pdbx_audit_revision_category.data_content_type 
_pdbx_audit_revision_category.category 
1 4 'Structure model' chem_comp_atom 
2 4 'Structure model' chem_comp_bond 
3 4 'Structure model' database_2     
# 
loop_
_pdbx_audit_revision_item.ordinal 
_pdbx_audit_revision_item.revision_ordinal 
_pdbx_audit_revision_item.data_content_type 
_pdbx_audit_revision_item.item 
1 4 'Structure model' '_database_2.pdbx_DOI'                
2 4 'Structure model' '_database_2.pdbx_database_accession' 
# 
_pdbx_database_status.status_code                     REL 
_pdbx_database_status.entry_id                        189D 
_pdbx_database_status.recvd_initial_deposition_date   1994-09-02 
_pdbx_database_status.deposit_site                    BNL 
_pdbx_database_status.process_site                    NDB 
_pdbx_database_status.SG_entry                        . 
_pdbx_database_status.pdb_format_compatible           Y 
_pdbx_database_status.status_code_mr                  ? 
_pdbx_database_status.status_code_sf                  ? 
_pdbx_database_status.status_code_cs                  ? 
_pdbx_database_status.status_code_nmr_data            ? 
_pdbx_database_status.methods_development_category    ? 
# 
loop_
_audit_author.name 
_audit_author.pdbx_ordinal 
'Eisenstein, M.' 1 
'Shakked, Z.'    2 
# 
loop_
_citation.id 
_citation.title 
_citation.journal_abbrev 
_citation.journal_volume 
_citation.page_first 
_citation.page_last 
_citation.year 
_citation.journal_id_ASTM 
_citation.country 
_citation.journal_id_ISSN 
_citation.journal_id_CSD 
_citation.book_publisher 
_citation.pdbx_database_id_PubMed 
_citation.pdbx_database_id_DOI 
primary 'Hydration patterns and intermolecular interactions in A-DNA crystal structures. Implications for DNA recognition.' 
J.Mol.Biol.            248 662  678  1995 JMOBAK UK 0022-2836 0070 ? 7752232 10.1006/jmbi.1995.0250 
1       'Molecular Structure of the Octamer d(G-G-C-C-G-G-C-C): Modified A-DNA'                                             
Proc.Natl.Acad.Sci.USA 79  3968 3972 1982 PNASA6 US 0027-8424 0040 ? ?       ?                      
# 
loop_
_citation_author.citation_id 
_citation_author.name 
_citation_author.ordinal 
_citation_author.identifier_ORCID 
primary 'Eisenstein, M.' 1 ? 
primary 'Shakked, Z.'    2 ? 
1       'Wang, A.H.-J.'  3 ? 
1       'Fujii, S.'      4 ? 
1       'Boom, J.H.V.'   5 ? 
1       'Rich, A.'       6 ? 
# 
loop_
_entity.id 
_entity.type 
_entity.src_method 
_entity.pdbx_description 
_entity.formula_weight 
_entity.pdbx_number_of_molecules 
_entity.pdbx_ec 
_entity.pdbx_mutation 
_entity.pdbx_fragment 
_entity.details 
1 polymer syn 
;DNA (5'-D(*GP*GP*CP*CP*GP*GP*CP*C)-3')
;
2428.593 1  ? ? ? ? 
2 water   nat water                                    18.015   40 ? ? ? ? 
# 
_entity_poly.entity_id                      1 
_entity_poly.type                           polydeoxyribonucleotide 
_entity_poly.nstd_linkage                   no 
_entity_poly.nstd_monomer                   no 
_entity_poly.pdbx_seq_one_letter_code       '(DG)(DG)(DC)(DC)(DG)(DG)(DC)(DC)' 
_entity_poly.pdbx_seq_one_letter_code_can   GGCCGGCC 
_entity_poly.pdbx_strand_id                 A 
_entity_poly.pdbx_target_identifier         ? 
# 
_pdbx_entity_nonpoly.entity_id   2 
_pdbx_entity_nonpoly.name        water 
_pdbx_entity_nonpoly.comp_id     HOH 
# 
loop_
_entity_poly_seq.entity_id 
_entity_poly_seq.num 
_entity_poly_seq.mon_id 
_entity_poly_seq.hetero 
1 1 DG n 
1 2 DG n 
1 3 DC n 
1 4 DC n 
1 5 DG n 
1 6 DG n 
1 7 DC n 
1 8 DC n 
# 
loop_
_chem_comp.id 
_chem_comp.type 
_chem_comp.mon_nstd_flag 
_chem_comp.name 
_chem_comp.pdbx_synonyms 
_chem_comp.formula 
_chem_comp.formula_weight 
DC  'DNA linking' y "2'-DEOXYCYTIDINE-5'-MONOPHOSPHATE"  ? 'C9 H14 N3 O7 P'  307.197 
DG  'DNA linking' y "2'-DEOXYGUANOSINE-5'-MONOPHOSPHATE" ? 'C10 H14 N5 O7 P' 347.221 
HOH non-polymer   . WATER                                ? 'H2 O'            18.015  
# 
loop_
_pdbx_poly_seq_scheme.asym_id 
_pdbx_poly_seq_scheme.entity_id 
_pdbx_poly_seq_scheme.seq_id 
_pdbx_poly_seq_scheme.mon_id 
_pdbx_poly_seq_scheme.ndb_seq_num 
_pdbx_poly_seq_scheme.pdb_seq_num 
_pdbx_poly_seq_scheme.auth_seq_num 
_pdbx_poly_seq_scheme.pdb_mon_id 
_pdbx_poly_seq_scheme.auth_mon_id 
_pdbx_poly_seq_scheme.pdb_strand_id 
_pdbx_poly_seq_scheme.pdb_ins_code 
_pdbx_poly_seq_scheme.hetero 
A 1 1 DG 1 1 1 DG G A . n 
A 1 2 DG 2 2 2 DG G A . n 
A 1 3 DC 3 3 3 DC C A . n 
A 1 4 DC 4 4 4 DC C A . n 
A 1 5 DG 5 5 5 DG G A . n 
A 1 6 DG 6 6 6 DG G A . n 
A 1 7 DC 7 7 7 DC C A . n 
A 1 8 DC 8 8 8 DC C A . n 
# 
loop_
_pdbx_nonpoly_scheme.asym_id 
_pdbx_nonpoly_scheme.entity_id 
_pdbx_nonpoly_scheme.mon_id 
_pdbx_nonpoly_scheme.ndb_seq_num 
_pdbx_nonpoly_scheme.pdb_seq_num 
_pdbx_nonpoly_scheme.auth_seq_num 
_pdbx_nonpoly_scheme.pdb_mon_id 
_pdbx_nonpoly_scheme.auth_mon_id 
_pdbx_nonpoly_scheme.pdb_strand_id 
_pdbx_nonpoly_scheme.pdb_ins_code 
B 2 HOH 1  9  9  HOH HOH A . 
B 2 HOH 2  10 10 HOH HOH A . 
B 2 HOH 3  11 11 HOH HOH A . 
B 2 HOH 4  12 12 HOH HOH A . 
B 2 HOH 5  13 13 HOH HOH A . 
B 2 HOH 6  14 14 HOH HOH A . 
B 2 HOH 7  15 15 HOH HOH A . 
B 2 HOH 8  16 16 HOH HOH A . 
B 2 HOH 9  17 17 HOH HOH A . 
B 2 HOH 10 18 18 HOH HOH A . 
B 2 HOH 11 19 19 HOH HOH A . 
B 2 HOH 12 20 20 HOH HOH A . 
B 2 HOH 13 21 21 HOH HOH A . 
B 2 HOH 14 22 22 HOH HOH A . 
B 2 HOH 15 23 23 HOH HOH A . 
B 2 HOH 16 24 24 HOH HOH A . 
B 2 HOH 17 25 25 HOH HOH A . 
B 2 HOH 18 26 26 HOH HOH A . 
B 2 HOH 19 27 27 HOH HOH A . 
B 2 HOH 20 28 28 HOH HOH A . 
B 2 HOH 21 29 29 HOH HOH A . 
B 2 HOH 22 30 30 HOH HOH A . 
B 2 HOH 23 31 31 HOH HOH A . 
B 2 HOH 24 32 32 HOH HOH A . 
B 2 HOH 25 33 33 HOH HOH A . 
B 2 HOH 26 34 34 HOH HOH A . 
B 2 HOH 27 35 35 HOH HOH A . 
B 2 HOH 28 36 36 HOH HOH A . 
B 2 HOH 29 37 37 HOH HOH A . 
B 2 HOH 30 38 38 HOH HOH A . 
B 2 HOH 31 39 39 HOH HOH A . 
B 2 HOH 32 40 40 HOH HOH A . 
B 2 HOH 33 41 41 HOH HOH A . 
B 2 HOH 34 42 42 HOH HOH A . 
B 2 HOH 35 43 43 HOH HOH A . 
B 2 HOH 36 44 44 HOH HOH A . 
B 2 HOH 37 45 45 HOH HOH A . 
B 2 HOH 38 46 46 HOH HOH A . 
B 2 HOH 39 47 47 HOH HOH A . 
B 2 HOH 40 48 48 HOH HOH A . 
# 
_software.name             NUCLSQ 
_software.classification   refinement 
_software.version          . 
_software.citation_id      ? 
_software.pdbx_ordinal     1 
# 
_cell.entry_id           189D 
_cell.length_a           42.040 
_cell.length_b           42.040 
_cell.length_c           25.090 
_cell.angle_alpha        90.00 
_cell.angle_beta         90.00 
_cell.angle_gamma        90.00 
_cell.Z_PDB              8 
_cell.pdbx_unique_axis   ? 
# 
_symmetry.entry_id                         189D 
_symmetry.space_group_name_H-M             'P 43 21 2' 
_symmetry.pdbx_full_space_group_name_H-M   ? 
_symmetry.cell_setting                     ? 
_symmetry.Int_Tables_number                96 
# 
_exptl.entry_id          189D 
_exptl.method            'X-RAY DIFFRACTION' 
_exptl.crystals_number   ? 
# 
_exptl_crystal.id                    1 
_exptl_crystal.density_meas          ? 
_exptl_crystal.density_Matthews      2.28 
_exptl_crystal.density_percent_sol   46.11 
_exptl_crystal.description           ? 
# 
_exptl_crystal_grow.crystal_id      1 
_exptl_crystal_grow.method          'VAPOR DIFFUSION' 
_exptl_crystal_grow.temp            ? 
_exptl_crystal_grow.temp_details    ? 
_exptl_crystal_grow.pH              7.00 
_exptl_crystal_grow.pdbx_details    'pH 7.00, VAPOR DIFFUSION' 
_exptl_crystal_grow.pdbx_pH_range   ? 
# 
loop_
_exptl_crystal_grow_comp.crystal_id 
_exptl_crystal_grow_comp.id 
_exptl_crystal_grow_comp.sol_id 
_exptl_crystal_grow_comp.name 
_exptl_crystal_grow_comp.volume 
_exptl_crystal_grow_comp.conc 
_exptl_crystal_grow_comp.details 
1 1 1 WATER           ? ? ? 
1 2 1 MPD             ? ? ? 
1 3 1 'NA CACODYLATE' ? ? ? 
1 4 1 SPERMINE        ? ? ? 
1 5 1 MGCL2           ? ? ? 
1 6 2 WATER           ? ? ? 
1 7 2 MPD             ? ? ? 
# 
_diffrn.id                     1 
_diffrn.ambient_temp           288.00 
_diffrn.ambient_temp_details   ? 
_diffrn.crystal_id             1 
# 
_diffrn_detector.diffrn_id              1 
_diffrn_detector.detector               DIFFRACTOMETER 
_diffrn_detector.type                   NICOLET 
_diffrn_detector.pdbx_collection_date   ? 
_diffrn_detector.details                ? 
# 
_diffrn_radiation.diffrn_id                        1 
_diffrn_radiation.wavelength_id                    1 
_diffrn_radiation.pdbx_monochromatic_or_laue_m_l   ? 
_diffrn_radiation.monochromator                    ? 
_diffrn_radiation.pdbx_diffrn_protocol             ? 
_diffrn_radiation.pdbx_scattering_type             x-ray 
# 
_diffrn_radiation_wavelength.id           1 
_diffrn_radiation_wavelength.wavelength   . 
_diffrn_radiation_wavelength.wt           1.0 
# 
_diffrn_source.diffrn_id                   1 
_diffrn_source.source                      ? 
_diffrn_source.type                        ? 
_diffrn_source.pdbx_synchrotron_site       ? 
_diffrn_source.pdbx_synchrotron_beamline   ? 
_diffrn_source.pdbx_wavelength             ? 
_diffrn_source.pdbx_wavelength_list        ? 
# 
_refine.entry_id                                 189D 
_refine.ls_number_reflns_obs                     1388 
_refine.ls_number_reflns_all                     ? 
_refine.pdbx_ls_sigma_I                          ? 
_refine.pdbx_ls_sigma_F                          2.000 
_refine.pdbx_data_cutoff_high_absF               ? 
_refine.pdbx_data_cutoff_low_absF                ? 
_refine.pdbx_data_cutoff_high_rms_absF           ? 
_refine.ls_d_res_low                             8.000 
_refine.ls_d_res_high                            2.100 
_refine.ls_percent_reflns_obs                    ? 
_refine.ls_R_factor_obs                          0.1520000 
_refine.ls_R_factor_all                          ? 
_refine.ls_R_factor_R_work                       ? 
_refine.ls_R_factor_R_free                       ? 
_refine.ls_R_factor_R_free_error                 ? 
_refine.ls_R_factor_R_free_error_details         ? 
_refine.ls_percent_reflns_R_free                 ? 
_refine.ls_number_reflns_R_free                  ? 
_refine.ls_number_parameters                     ? 
_refine.ls_number_restraints                     ? 
_refine.occupancy_min                            ? 
_refine.occupancy_max                            ? 
_refine.B_iso_mean                               ? 
_refine.aniso_B[1][1]                            ? 
_refine.aniso_B[2][2]                            ? 
_refine.aniso_B[3][3]                            ? 
_refine.aniso_B[1][2]                            ? 
_refine.aniso_B[1][3]                            ? 
_refine.aniso_B[2][3]                            ? 
_refine.solvent_model_details                    ? 
_refine.solvent_model_param_ksol                 ? 
_refine.solvent_model_param_bsol                 ? 
_refine.pdbx_ls_cross_valid_method               ? 
_refine.details                                  ? 
_refine.pdbx_starting_model                      ? 
_refine.pdbx_method_to_determine_struct          ? 
_refine.pdbx_isotropic_thermal_model             ? 
_refine.pdbx_stereochemistry_target_values       ? 
_refine.pdbx_stereochem_target_val_spec_case     ? 
_refine.pdbx_R_Free_selection_details            ? 
_refine.pdbx_overall_ESU_R                       ? 
_refine.pdbx_overall_ESU_R_Free                  ? 
_refine.overall_SU_ML                            ? 
_refine.overall_SU_B                             ? 
_refine.pdbx_refine_id                           'X-RAY DIFFRACTION' 
_refine.pdbx_diffrn_id                           1 
_refine.pdbx_TLS_residual_ADP_flag               ? 
_refine.correlation_coeff_Fo_to_Fc               ? 
_refine.correlation_coeff_Fo_to_Fc_free          ? 
_refine.pdbx_solvent_vdw_probe_radii             ? 
_refine.pdbx_solvent_ion_probe_radii             ? 
_refine.pdbx_solvent_shrinkage_radii             ? 
_refine.pdbx_overall_phase_error                 ? 
_refine.overall_SU_R_Cruickshank_DPI             ? 
_refine.pdbx_overall_SU_R_free_Cruickshank_DPI   ? 
_refine.pdbx_overall_SU_R_Blow_DPI               ? 
_refine.pdbx_overall_SU_R_free_Blow_DPI          ? 
# 
_refine_hist.pdbx_refine_id                   'X-RAY DIFFRACTION' 
_refine_hist.cycle_id                         LAST 
_refine_hist.pdbx_number_atoms_protein        0 
_refine_hist.pdbx_number_atoms_nucleic_acid   161 
_refine_hist.pdbx_number_atoms_ligand         0 
_refine_hist.number_atoms_solvent             40 
_refine_hist.number_atoms_total               201 
_refine_hist.d_res_high                       2.100 
_refine_hist.d_res_low                        8.000 
# 
loop_
_refine_ls_restr.type 
_refine_ls_restr.dev_ideal 
_refine_ls_restr.dev_ideal_target 
_refine_ls_restr.weight 
_refine_ls_restr.number 
_refine_ls_restr.pdbx_refine_id 
_refine_ls_restr.pdbx_restraint_function 
n_bond_d               0.007 0.020 ? ? 'X-RAY DIFFRACTION' ? 
n_angle_d              0.021 0.040 ? ? 'X-RAY DIFFRACTION' ? 
n_planar_d             ?     ?     ? ? 'X-RAY DIFFRACTION' ? 
n_hb_or_metal_coord    ?     ?     ? ? 'X-RAY DIFFRACTION' ? 
n_sugar_bond_it        1.683 3.000 ? ? 'X-RAY DIFFRACTION' ? 
n_sugar_angle_it       2.542 5.000 ? ? 'X-RAY DIFFRACTION' ? 
n_phos_bond_it         2.134 3.000 ? ? 'X-RAY DIFFRACTION' ? 
n_phos_angle_it        2.745 5.000 ? ? 'X-RAY DIFFRACTION' ? 
n_bond_angle_restr     ?     ?     ? ? 'X-RAY DIFFRACTION' ? 
n_dihedral_angle_restr ?     ?     ? ? 'X-RAY DIFFRACTION' ? 
n_impr_tor             ?     ?     ? ? 'X-RAY DIFFRACTION' ? 
n_sugar_bond_d         ?     ?     ? ? 'X-RAY DIFFRACTION' ? 
n_sugar_bond_angle_d   ?     ?     ? ? 'X-RAY DIFFRACTION' ? 
n_phos_bond_d          0.018 0.030 ? ? 'X-RAY DIFFRACTION' ? 
n_phos_bond_angle_d    0.050 0.060 ? ? 'X-RAY DIFFRACTION' ? 
n_plane_restr          0.007 0.020 ? ? 'X-RAY DIFFRACTION' ? 
n_chiral_restr         0.009 0.030 ? ? 'X-RAY DIFFRACTION' ? 
n_singtor_nbd          0.084 0.200 ? ? 'X-RAY DIFFRACTION' ? 
n_multtor_nbd          0.138 0.200 ? ? 'X-RAY DIFFRACTION' ? 
n_xhyhbond_nbd         ?     ?     ? ? 'X-RAY DIFFRACTION' ? 
# 
_struct.entry_id                  189D 
_struct.title                     
'HYDRATION PATTERNS AND INTERMOLECULAR INTERACTIONS IN A-DNA CRYSTAL STRUCTURES. IMPLICATIONS FOR DNA RECOGNITION' 
_struct.pdbx_model_details        ? 
_struct.pdbx_CASP_flag            ? 
_struct.pdbx_model_type_details   ? 
# 
_struct_keywords.entry_id        189D 
_struct_keywords.pdbx_keywords   DNA 
_struct_keywords.text            'A-DNA, DOUBLE HELIX, DNA' 
# 
loop_
_struct_asym.id 
_struct_asym.pdbx_blank_PDB_chainid_flag 
_struct_asym.pdbx_modified 
_struct_asym.entity_id 
_struct_asym.details 
A N N 1 ? 
B N N 2 ? 
# 
_struct_ref.id                         1 
_struct_ref.entity_id                  1 
_struct_ref.db_name                    PDB 
_struct_ref.db_code                    189D 
_struct_ref.pdbx_db_accession          189D 
_struct_ref.pdbx_db_isoform            ? 
_struct_ref.pdbx_seq_one_letter_code   ? 
_struct_ref.pdbx_align_begin           ? 
# 
_struct_ref_seq.align_id                      1 
_struct_ref_seq.ref_id                        1 
_struct_ref_seq.pdbx_PDB_id_code              189D 
_struct_ref_seq.pdbx_strand_id                A 
_struct_ref_seq.seq_align_beg                 1 
_struct_ref_seq.pdbx_seq_align_beg_ins_code   ? 
_struct_ref_seq.seq_align_end                 8 
_struct_ref_seq.pdbx_seq_align_end_ins_code   ? 
_struct_ref_seq.pdbx_db_accession             189D 
_struct_ref_seq.db_align_beg                  1 
_struct_ref_seq.pdbx_db_align_beg_ins_code    ? 
_struct_ref_seq.db_align_end                  8 
_struct_ref_seq.pdbx_db_align_end_ins_code    ? 
_struct_ref_seq.pdbx_auth_seq_align_beg       1 
_struct_ref_seq.pdbx_auth_seq_align_end       8 
# 
_pdbx_struct_assembly.id                   1 
_pdbx_struct_assembly.details              author_defined_assembly 
_pdbx_struct_assembly.method_details       ? 
_pdbx_struct_assembly.oligomeric_details   dimeric 
_pdbx_struct_assembly.oligomeric_count     2 
# 
_pdbx_struct_assembly_gen.assembly_id       1 
_pdbx_struct_assembly_gen.oper_expression   1,2 
_pdbx_struct_assembly_gen.asym_id_list      A,B 
# 
loop_
_pdbx_struct_oper_list.id 
_pdbx_struct_oper_list.type 
_pdbx_struct_oper_list.name 
_pdbx_struct_oper_list.symmetry_operation 
_pdbx_struct_oper_list.matrix[1][1] 
_pdbx_struct_oper_list.matrix[1][2] 
_pdbx_struct_oper_list.matrix[1][3] 
_pdbx_struct_oper_list.vector[1] 
_pdbx_struct_oper_list.matrix[2][1] 
_pdbx_struct_oper_list.matrix[2][2] 
_pdbx_struct_oper_list.matrix[2][3] 
_pdbx_struct_oper_list.vector[2] 
_pdbx_struct_oper_list.matrix[3][1] 
_pdbx_struct_oper_list.matrix[3][2] 
_pdbx_struct_oper_list.matrix[3][3] 
_pdbx_struct_oper_list.vector[3] 
1 'identity operation'         1_555 x,y,z  1.0000000000 0.0000000000  0.0000000000  0.0000000000  0.0000000000  1.0000000000  0.0000000000 0.0000000000 0.0000000000  0.0000000000 1.0000000000  0.0000000000  
2 'crystal symmetry operation' 7_555 y,x,-z 0.0476793145 -0.4907003171 -0.8700229203 -2.1940528869 -0.4907003171 -0.7701712749 0.4074916026 1.9352962045 -0.8700229203 0.4074916026 -0.2775080396 -3.7335962193 
# 
_struct_biol.id   1 
# 
loop_
_struct_conn.id 
_struct_conn.conn_type_id 
_struct_conn.pdbx_leaving_atom_flag 
_struct_conn.pdbx_PDB_id 
_struct_conn.ptnr1_label_asym_id 
_struct_conn.ptnr1_label_comp_id 
_struct_conn.ptnr1_label_seq_id 
_struct_conn.ptnr1_label_atom_id 
_struct_conn.pdbx_ptnr1_label_alt_id 
_struct_conn.pdbx_ptnr1_PDB_ins_code 
_struct_conn.pdbx_ptnr1_standard_comp_id 
_struct_conn.ptnr1_symmetry 
_struct_conn.ptnr2_label_asym_id 
_struct_conn.ptnr2_label_comp_id 
_struct_conn.ptnr2_label_seq_id 
_struct_conn.ptnr2_label_atom_id 
_struct_conn.pdbx_ptnr2_label_alt_id 
_struct_conn.pdbx_ptnr2_PDB_ins_code 
_struct_conn.ptnr1_auth_asym_id 
_struct_conn.ptnr1_auth_comp_id 
_struct_conn.ptnr1_auth_seq_id 
_struct_conn.ptnr2_auth_asym_id 
_struct_conn.ptnr2_auth_comp_id 
_struct_conn.ptnr2_auth_seq_id 
_struct_conn.ptnr2_symmetry 
_struct_conn.pdbx_ptnr3_label_atom_id 
_struct_conn.pdbx_ptnr3_label_seq_id 
_struct_conn.pdbx_ptnr3_label_comp_id 
_struct_conn.pdbx_ptnr3_label_asym_id 
_struct_conn.pdbx_ptnr3_label_alt_id 
_struct_conn.pdbx_ptnr3_PDB_ins_code 
_struct_conn.details 
_struct_conn.pdbx_dist_value 
_struct_conn.pdbx_value_order 
_struct_conn.pdbx_role 
hydrog1  hydrog ? ? A DG 1 N1 ? ? ? 1_555 A DC 8 N3 ? ? A DG 1 A DC 8 7_555 ? ? ? ? ? ? WATSON-CRICK ? ? ? 
hydrog2  hydrog ? ? A DG 1 N2 ? ? ? 1_555 A DC 8 O2 ? ? A DG 1 A DC 8 7_555 ? ? ? ? ? ? WATSON-CRICK ? ? ? 
hydrog3  hydrog ? ? A DG 1 O6 ? ? ? 1_555 A DC 8 N4 ? ? A DG 1 A DC 8 7_555 ? ? ? ? ? ? WATSON-CRICK ? ? ? 
hydrog4  hydrog ? ? A DG 2 N1 ? ? ? 1_555 A DC 7 N3 ? ? A DG 2 A DC 7 7_555 ? ? ? ? ? ? WATSON-CRICK ? ? ? 
hydrog5  hydrog ? ? A DG 2 N2 ? ? ? 1_555 A DC 7 O2 ? ? A DG 2 A DC 7 7_555 ? ? ? ? ? ? WATSON-CRICK ? ? ? 
hydrog6  hydrog ? ? A DG 2 O6 ? ? ? 1_555 A DC 7 N4 ? ? A DG 2 A DC 7 7_555 ? ? ? ? ? ? WATSON-CRICK ? ? ? 
hydrog7  hydrog ? ? A DC 3 N3 ? ? ? 1_555 A DG 6 N1 ? ? A DC 3 A DG 6 7_555 ? ? ? ? ? ? WATSON-CRICK ? ? ? 
hydrog8  hydrog ? ? A DC 3 N4 ? ? ? 1_555 A DG 6 O6 ? ? A DC 3 A DG 6 7_555 ? ? ? ? ? ? WATSON-CRICK ? ? ? 
hydrog9  hydrog ? ? A DC 3 O2 ? ? ? 1_555 A DG 6 N2 ? ? A DC 3 A DG 6 7_555 ? ? ? ? ? ? WATSON-CRICK ? ? ? 
hydrog10 hydrog ? ? A DC 4 N3 ? ? ? 1_555 A DG 5 N1 ? ? A DC 4 A DG 5 7_555 ? ? ? ? ? ? WATSON-CRICK ? ? ? 
hydrog11 hydrog ? ? A DC 4 N4 ? ? ? 1_555 A DG 5 O6 ? ? A DC 4 A DG 5 7_555 ? ? ? ? ? ? WATSON-CRICK ? ? ? 
hydrog12 hydrog ? ? A DC 4 O2 ? ? ? 1_555 A DG 5 N2 ? ? A DC 4 A DG 5 7_555 ? ? ? ? ? ? WATSON-CRICK ? ? ? 
hydrog13 hydrog ? ? A DG 5 N1 ? ? ? 1_555 A DC 4 N3 ? ? A DG 5 A DC 4 7_555 ? ? ? ? ? ? WATSON-CRICK ? ? ? 
hydrog14 hydrog ? ? A DG 5 N2 ? ? ? 1_555 A DC 4 O2 ? ? A DG 5 A DC 4 7_555 ? ? ? ? ? ? WATSON-CRICK ? ? ? 
hydrog15 hydrog ? ? A DG 5 O6 ? ? ? 1_555 A DC 4 N4 ? ? A DG 5 A DC 4 7_555 ? ? ? ? ? ? WATSON-CRICK ? ? ? 
hydrog16 hydrog ? ? A DG 6 N1 ? ? ? 1_555 A DC 3 N3 ? ? A DG 6 A DC 3 7_555 ? ? ? ? ? ? WATSON-CRICK ? ? ? 
hydrog17 hydrog ? ? A DG 6 N2 ? ? ? 1_555 A DC 3 O2 ? ? A DG 6 A DC 3 7_555 ? ? ? ? ? ? WATSON-CRICK ? ? ? 
hydrog18 hydrog ? ? A DG 6 O6 ? ? ? 1_555 A DC 3 N4 ? ? A DG 6 A DC 3 7_555 ? ? ? ? ? ? WATSON-CRICK ? ? ? 
hydrog19 hydrog ? ? A DC 7 N3 ? ? ? 1_555 A DG 2 N1 ? ? A DC 7 A DG 2 7_555 ? ? ? ? ? ? WATSON-CRICK ? ? ? 
hydrog20 hydrog ? ? A DC 7 N4 ? ? ? 1_555 A DG 2 O6 ? ? A DC 7 A DG 2 7_555 ? ? ? ? ? ? WATSON-CRICK ? ? ? 
hydrog21 hydrog ? ? A DC 7 O2 ? ? ? 1_555 A DG 2 N2 ? ? A DC 7 A DG 2 7_555 ? ? ? ? ? ? WATSON-CRICK ? ? ? 
hydrog22 hydrog ? ? A DC 8 N3 ? ? ? 1_555 A DG 1 N1 ? ? A DC 8 A DG 1 7_555 ? ? ? ? ? ? WATSON-CRICK ? ? ? 
hydrog23 hydrog ? ? A DC 8 N4 ? ? ? 1_555 A DG 1 O6 ? ? A DC 8 A DG 1 7_555 ? ? ? ? ? ? WATSON-CRICK ? ? ? 
hydrog24 hydrog ? ? A DC 8 O2 ? ? ? 1_555 A DG 1 N2 ? ? A DC 8 A DG 1 7_555 ? ? ? ? ? ? WATSON-CRICK ? ? ? 
# 
_struct_conn_type.id          hydrog 
_struct_conn_type.criteria    ? 
_struct_conn_type.reference   ? 
# 
loop_
_pdbx_validate_rmsd_angle.id 
_pdbx_validate_rmsd_angle.PDB_model_num 
_pdbx_validate_rmsd_angle.auth_atom_id_1 
_pdbx_validate_rmsd_angle.auth_asym_id_1 
_pdbx_validate_rmsd_angle.auth_comp_id_1 
_pdbx_validate_rmsd_angle.auth_seq_id_1 
_pdbx_validate_rmsd_angle.PDB_ins_code_1 
_pdbx_validate_rmsd_angle.label_alt_id_1 
_pdbx_validate_rmsd_angle.auth_atom_id_2 
_pdbx_validate_rmsd_angle.auth_asym_id_2 
_pdbx_validate_rmsd_angle.auth_comp_id_2 
_pdbx_validate_rmsd_angle.auth_seq_id_2 
_pdbx_validate_rmsd_angle.PDB_ins_code_2 
_pdbx_validate_rmsd_angle.label_alt_id_2 
_pdbx_validate_rmsd_angle.auth_atom_id_3 
_pdbx_validate_rmsd_angle.auth_asym_id_3 
_pdbx_validate_rmsd_angle.auth_comp_id_3 
_pdbx_validate_rmsd_angle.auth_seq_id_3 
_pdbx_validate_rmsd_angle.PDB_ins_code_3 
_pdbx_validate_rmsd_angle.label_alt_id_3 
_pdbx_validate_rmsd_angle.angle_value 
_pdbx_validate_rmsd_angle.angle_target_value 
_pdbx_validate_rmsd_angle.angle_deviation 
_pdbx_validate_rmsd_angle.angle_standard_deviation 
_pdbx_validate_rmsd_angle.linker_flag 
1 1 "O5'" A DG 2 ? ? "C5'" A DG 2 ? ? "C4'" A DG 2 ? ? 104.20 109.40 -5.20 0.80 N 
2 1 "O4'" A DG 2 ? ? "C1'" A DG 2 ? ? N9    A DG 2 ? ? 110.76 108.30 2.46  0.30 N 
3 1 "O4'" A DC 3 ? ? "C1'" A DC 3 ? ? N1    A DC 3 ? ? 112.80 108.30 4.50  0.30 N 
4 1 "O5'" A DC 8 ? ? "C5'" A DC 8 ? ? "C4'" A DC 8 ? ? 103.83 109.40 -5.57 0.80 N 
5 1 "O4'" A DC 8 ? ? "C1'" A DC 8 ? ? N1    A DC 8 ? ? 112.06 108.30 3.76  0.30 N 
# 
loop_
_refine_B_iso.class 
_refine_B_iso.details 
_refine_B_iso.treatment 
_refine_B_iso.pdbx_refine_id 
'ALL ATOMS'  TR isotropic 'X-RAY DIFFRACTION' 
'ALL WATERS' TR isotropic 'X-RAY DIFFRACTION' 
# 
loop_
_refine_occupancy.class 
_refine_occupancy.treatment 
_refine_occupancy.pdbx_refine_id 
'ALL ATOMS'  fix 'X-RAY DIFFRACTION' 
'ALL WATERS' fix 'X-RAY DIFFRACTION' 
# 
loop_
_chem_comp_atom.comp_id 
_chem_comp_atom.atom_id 
_chem_comp_atom.type_symbol 
_chem_comp_atom.pdbx_aromatic_flag 
_chem_comp_atom.pdbx_stereo_config 
_chem_comp_atom.pdbx_ordinal 
DC  OP3    O N N 1  
DC  P      P N N 2  
DC  OP1    O N N 3  
DC  OP2    O N N 4  
DC  "O5'"  O N N 5  
DC  "C5'"  C N N 6  
DC  "C4'"  C N R 7  
DC  "O4'"  O N N 8  
DC  "C3'"  C N S 9  
DC  "O3'"  O N N 10 
DC  "C2'"  C N N 11 
DC  "C1'"  C N R 12 
DC  N1     N N N 13 
DC  C2     C N N 14 
DC  O2     O N N 15 
DC  N3     N N N 16 
DC  C4     C N N 17 
DC  N4     N N N 18 
DC  C5     C N N 19 
DC  C6     C N N 20 
DC  HOP3   H N N 21 
DC  HOP2   H N N 22 
DC  "H5'"  H N N 23 
DC  "H5''" H N N 24 
DC  "H4'"  H N N 25 
DC  "H3'"  H N N 26 
DC  "HO3'" H N N 27 
DC  "H2'"  H N N 28 
DC  "H2''" H N N 29 
DC  "H1'"  H N N 30 
DC  H41    H N N 31 
DC  H42    H N N 32 
DC  H5     H N N 33 
DC  H6     H N N 34 
DG  OP3    O N N 35 
DG  P      P N N 36 
DG  OP1    O N N 37 
DG  OP2    O N N 38 
DG  "O5'"  O N N 39 
DG  "C5'"  C N N 40 
DG  "C4'"  C N R 41 
DG  "O4'"  O N N 42 
DG  "C3'"  C N S 43 
DG  "O3'"  O N N 44 
DG  "C2'"  C N N 45 
DG  "C1'"  C N R 46 
DG  N9     N Y N 47 
DG  C8     C Y N 48 
DG  N7     N Y N 49 
DG  C5     C Y N 50 
DG  C6     C N N 51 
DG  O6     O N N 52 
DG  N1     N N N 53 
DG  C2     C N N 54 
DG  N2     N N N 55 
DG  N3     N N N 56 
DG  C4     C Y N 57 
DG  HOP3   H N N 58 
DG  HOP2   H N N 59 
DG  "H5'"  H N N 60 
DG  "H5''" H N N 61 
DG  "H4'"  H N N 62 
DG  "H3'"  H N N 63 
DG  "HO3'" H N N 64 
DG  "H2'"  H N N 65 
DG  "H2''" H N N 66 
DG  "H1'"  H N N 67 
DG  H8     H N N 68 
DG  H1     H N N 69 
DG  H21    H N N 70 
DG  H22    H N N 71 
HOH O      O N N 72 
HOH H1     H N N 73 
HOH H2     H N N 74 
# 
loop_
_chem_comp_bond.comp_id 
_chem_comp_bond.atom_id_1 
_chem_comp_bond.atom_id_2 
_chem_comp_bond.value_order 
_chem_comp_bond.pdbx_aromatic_flag 
_chem_comp_bond.pdbx_stereo_config 
_chem_comp_bond.pdbx_ordinal 
DC  OP3   P      sing N N 1  
DC  OP3   HOP3   sing N N 2  
DC  P     OP1    doub N N 3  
DC  P     OP2    sing N N 4  
DC  P     "O5'"  sing N N 5  
DC  OP2   HOP2   sing N N 6  
DC  "O5'" "C5'"  sing N N 7  
DC  "C5'" "C4'"  sing N N 8  
DC  "C5'" "H5'"  sing N N 9  
DC  "C5'" "H5''" sing N N 10 
DC  "C4'" "O4'"  sing N N 11 
DC  "C4'" "C3'"  sing N N 12 
DC  "C4'" "H4'"  sing N N 13 
DC  "O4'" "C1'"  sing N N 14 
DC  "C3'" "O3'"  sing N N 15 
DC  "C3'" "C2'"  sing N N 16 
DC  "C3'" "H3'"  sing N N 17 
DC  "O3'" "HO3'" sing N N 18 
DC  "C2'" "C1'"  sing N N 19 
DC  "C2'" "H2'"  sing N N 20 
DC  "C2'" "H2''" sing N N 21 
DC  "C1'" N1     sing N N 22 
DC  "C1'" "H1'"  sing N N 23 
DC  N1    C2     sing N N 24 
DC  N1    C6     sing N N 25 
DC  C2    O2     doub N N 26 
DC  C2    N3     sing N N 27 
DC  N3    C4     doub N N 28 
DC  C4    N4     sing N N 29 
DC  C4    C5     sing N N 30 
DC  N4    H41    sing N N 31 
DC  N4    H42    sing N N 32 
DC  C5    C6     doub N N 33 
DC  C5    H5     sing N N 34 
DC  C6    H6     sing N N 35 
DG  OP3   P      sing N N 36 
DG  OP3   HOP3   sing N N 37 
DG  P     OP1    doub N N 38 
DG  P     OP2    sing N N 39 
DG  P     "O5'"  sing N N 40 
DG  OP2   HOP2   sing N N 41 
DG  "O5'" "C5'"  sing N N 42 
DG  "C5'" "C4'"  sing N N 43 
DG  "C5'" "H5'"  sing N N 44 
DG  "C5'" "H5''" sing N N 45 
DG  "C4'" "O4'"  sing N N 46 
DG  "C4'" "C3'"  sing N N 47 
DG  "C4'" "H4'"  sing N N 48 
DG  "O4'" "C1'"  sing N N 49 
DG  "C3'" "O3'"  sing N N 50 
DG  "C3'" "C2'"  sing N N 51 
DG  "C3'" "H3'"  sing N N 52 
DG  "O3'" "HO3'" sing N N 53 
DG  "C2'" "C1'"  sing N N 54 
DG  "C2'" "H2'"  sing N N 55 
DG  "C2'" "H2''" sing N N 56 
DG  "C1'" N9     sing N N 57 
DG  "C1'" "H1'"  sing N N 58 
DG  N9    C8     sing Y N 59 
DG  N9    C4     sing Y N 60 
DG  C8    N7     doub Y N 61 
DG  C8    H8     sing N N 62 
DG  N7    C5     sing Y N 63 
DG  C5    C6     sing N N 64 
DG  C5    C4     doub Y N 65 
DG  C6    O6     doub N N 66 
DG  C6    N1     sing N N 67 
DG  N1    C2     sing N N 68 
DG  N1    H1     sing N N 69 
DG  C2    N2     sing N N 70 
DG  C2    N3     doub N N 71 
DG  N2    H21    sing N N 72 
DG  N2    H22    sing N N 73 
DG  N3    C4     sing N N 74 
HOH O     H1     sing N N 75 
HOH O     H2     sing N N 76 
# 
_ndb_struct_conf_na.entry_id   189D 
_ndb_struct_conf_na.feature    'a-form double helix' 
# 
loop_
_ndb_struct_na_base_pair.model_number 
_ndb_struct_na_base_pair.i_label_asym_id 
_ndb_struct_na_base_pair.i_label_comp_id 
_ndb_struct_na_base_pair.i_label_seq_id 
_ndb_struct_na_base_pair.i_symmetry 
_ndb_struct_na_base_pair.j_label_asym_id 
_ndb_struct_na_base_pair.j_label_comp_id 
_ndb_struct_na_base_pair.j_label_seq_id 
_ndb_struct_na_base_pair.j_symmetry 
_ndb_struct_na_base_pair.shear 
_ndb_struct_na_base_pair.stretch 
_ndb_struct_na_base_pair.stagger 
_ndb_struct_na_base_pair.buckle 
_ndb_struct_na_base_pair.propeller 
_ndb_struct_na_base_pair.opening 
_ndb_struct_na_base_pair.pair_number 
_ndb_struct_na_base_pair.pair_name 
_ndb_struct_na_base_pair.i_auth_asym_id 
_ndb_struct_na_base_pair.i_auth_seq_id 
_ndb_struct_na_base_pair.i_PDB_ins_code 
_ndb_struct_na_base_pair.j_auth_asym_id 
_ndb_struct_na_base_pair.j_auth_seq_id 
_ndb_struct_na_base_pair.j_PDB_ins_code 
_ndb_struct_na_base_pair.hbond_type_28 
_ndb_struct_na_base_pair.hbond_type_12 
1 A DG 1 1_555 A DC 8 7_555 -0.409 -0.160 -0.205 -7.435 -9.390  -0.328 1 A_DG1:DC8_A A 1 ? A 8 ? 19 1 
1 A DG 2 1_555 A DC 7 7_555 -0.071 -0.116 0.129  -0.883 -17.169 2.197  2 A_DG2:DC7_A A 2 ? A 7 ? 19 1 
1 A DC 3 1_555 A DG 6 7_555 0.247  -0.170 0.126  1.648  -15.836 2.965  3 A_DC3:DG6_A A 3 ? A 6 ? 19 1 
1 A DC 4 1_555 A DG 5 7_555 0.324  -0.194 0.303  -3.603 -9.632  -0.157 4 A_DC4:DG5_A A 4 ? A 5 ? 19 1 
1 A DG 5 1_555 A DC 4 7_555 -0.324 -0.194 0.303  3.603  -9.632  -0.157 5 A_DG5:DC4_A A 5 ? A 4 ? 19 1 
1 A DG 6 1_555 A DC 3 7_555 -0.247 -0.170 0.126  -1.648 -15.836 2.965  6 A_DG6:DC3_A A 6 ? A 3 ? 19 1 
1 A DC 7 1_555 A DG 2 7_555 0.071  -0.116 0.129  0.883  -17.169 2.197  7 A_DC7:DG2_A A 7 ? A 2 ? 19 1 
1 A DC 8 1_555 A DG 1 7_555 0.409  -0.160 -0.205 7.435  -9.390  -0.328 8 A_DC8:DG1_A A 8 ? A 1 ? 19 1 
# 
loop_
_ndb_struct_na_base_pair_step.model_number 
_ndb_struct_na_base_pair_step.i_label_asym_id_1 
_ndb_struct_na_base_pair_step.i_label_comp_id_1 
_ndb_struct_na_base_pair_step.i_label_seq_id_1 
_ndb_struct_na_base_pair_step.i_symmetry_1 
_ndb_struct_na_base_pair_step.j_label_asym_id_1 
_ndb_struct_na_base_pair_step.j_label_comp_id_1 
_ndb_struct_na_base_pair_step.j_label_seq_id_1 
_ndb_struct_na_base_pair_step.j_symmetry_1 
_ndb_struct_na_base_pair_step.i_label_asym_id_2 
_ndb_struct_na_base_pair_step.i_label_comp_id_2 
_ndb_struct_na_base_pair_step.i_label_seq_id_2 
_ndb_struct_na_base_pair_step.i_symmetry_2 
_ndb_struct_na_base_pair_step.j_label_asym_id_2 
_ndb_struct_na_base_pair_step.j_label_comp_id_2 
_ndb_struct_na_base_pair_step.j_label_seq_id_2 
_ndb_struct_na_base_pair_step.j_symmetry_2 
_ndb_struct_na_base_pair_step.shift 
_ndb_struct_na_base_pair_step.slide 
_ndb_struct_na_base_pair_step.rise 
_ndb_struct_na_base_pair_step.tilt 
_ndb_struct_na_base_pair_step.roll 
_ndb_struct_na_base_pair_step.twist 
_ndb_struct_na_base_pair_step.x_displacement 
_ndb_struct_na_base_pair_step.y_displacement 
_ndb_struct_na_base_pair_step.helical_rise 
_ndb_struct_na_base_pair_step.inclination 
_ndb_struct_na_base_pair_step.tip 
_ndb_struct_na_base_pair_step.helical_twist 
_ndb_struct_na_base_pair_step.step_number 
_ndb_struct_na_base_pair_step.step_name 
_ndb_struct_na_base_pair_step.i_auth_asym_id_1 
_ndb_struct_na_base_pair_step.i_auth_seq_id_1 
_ndb_struct_na_base_pair_step.i_PDB_ins_code_1 
_ndb_struct_na_base_pair_step.j_auth_asym_id_1 
_ndb_struct_na_base_pair_step.j_auth_seq_id_1 
_ndb_struct_na_base_pair_step.j_PDB_ins_code_1 
_ndb_struct_na_base_pair_step.i_auth_asym_id_2 
_ndb_struct_na_base_pair_step.i_auth_seq_id_2 
_ndb_struct_na_base_pair_step.i_PDB_ins_code_2 
_ndb_struct_na_base_pair_step.j_auth_asym_id_2 
_ndb_struct_na_base_pair_step.j_auth_seq_id_2 
_ndb_struct_na_base_pair_step.j_PDB_ins_code_2 
1 A DG 1 1_555 A DC 8 7_555 A DG 2 1_555 A DC 7 7_555 0.473  -1.364 3.155 -1.250 11.062 30.991 -4.100 -1.027 2.513 19.914 2.249  
32.884 1 AA_DG1DG2:DC7DC8_AA A 1 ? A 8 ? A 2 ? A 7 ? 
1 A DG 2 1_555 A DC 7 7_555 A DC 3 1_555 A DG 6 7_555 -0.085 -1.190 3.206 -0.680 6.731  34.411 -2.933 0.045  2.929 11.243 1.136  
35.050 2 AA_DG2DC3:DG6DC7_AA A 2 ? A 7 ? A 3 ? A 6 ? 
1 A DC 3 1_555 A DG 6 7_555 A DC 4 1_555 A DG 5 7_555 -0.147 -1.487 3.420 0.367  4.339  37.589 -2.862 0.274  3.233 6.706  -0.567 
37.832 3 AA_DC3DC4:DG5DG6_AA A 3 ? A 6 ? A 4 ? A 5 ? 
1 A DC 4 1_555 A DG 5 7_555 A DG 5 1_555 A DC 4 7_555 0.000  -1.759 3.034 0.000  7.151  19.913 -7.283 0.000  2.270 19.870 0.000  
21.146 4 AA_DC4DG5:DC4DG5_AA A 4 ? A 5 ? A 5 ? A 4 ? 
1 A DG 5 1_555 A DC 4 7_555 A DG 6 1_555 A DC 3 7_555 0.147  -1.487 3.420 -0.367 4.339  37.589 -2.862 -0.274 3.233 6.706  0.567  
37.832 5 AA_DG5DG6:DC3DC4_AA A 5 ? A 4 ? A 6 ? A 3 ? 
1 A DG 6 1_555 A DC 3 7_555 A DC 7 1_555 A DG 2 7_555 0.085  -1.190 3.206 0.680  6.731  34.411 -2.933 -0.045 2.929 11.243 -1.136 
35.050 6 AA_DG6DC7:DG2DC3_AA A 6 ? A 3 ? A 7 ? A 2 ? 
1 A DC 7 1_555 A DG 2 7_555 A DC 8 1_555 A DG 1 7_555 -0.473 -1.364 3.155 1.250  11.062 30.991 -4.100 1.027  2.513 19.914 -2.249 
32.884 7 AA_DC7DC8:DG1DG2_AA A 7 ? A 2 ? A 8 ? A 1 ? 
# 
_atom_sites.entry_id                    189D 
_atom_sites.fract_transf_matrix[1][1]   -0.00267389 
_atom_sites.fract_transf_matrix[1][2]   0.01901365 
_atom_sites.fract_transf_matrix[1][3]   0.01404111 
_atom_sites.fract_transf_matrix[2][1]   -0.02167358 
_atom_sites.fract_transf_matrix[2][2]   -0.00761006 
_atom_sites.fract_transf_matrix[2][3]   0.00617773 
_atom_sites.fract_transf_matrix[3][1]   0.01580095 
_atom_sites.fract_transf_matrix[3][2]   -0.02027309 
_atom_sites.fract_transf_matrix[3][3]   0.03046165 
_atom_sites.fract_transf_vector[1]      0.233883 
_atom_sites.fract_transf_vector[2]      0.224123 
_atom_sites.fract_transf_vector[3]      0.093817 
# 
loop_
_atom_type.symbol 
C 
N 
O 
P 
# 
loop_
_atom_site.group_PDB 
_atom_site.id 
_atom_site.type_symbol 
_atom_site.label_atom_id 
_atom_site.label_alt_id 
_atom_site.label_comp_id 
_atom_site.label_asym_id 
_atom_site.label_entity_id 
_atom_site.label_seq_id 
_atom_site.pdbx_PDB_ins_code 
_atom_site.Cartn_x 
_atom_site.Cartn_y 
_atom_site.Cartn_z 
_atom_site.occupancy 
_atom_site.B_iso_or_equiv 
_atom_site.pdbx_formal_charge 
_atom_site.auth_seq_id 
_atom_site.auth_comp_id 
_atom_site.auth_asym_id 
_atom_site.auth_atom_id 
_atom_site.pdbx_PDB_model_num 
ATOM   1   O "O5'" . DG  A 1 1 ? 6.941   5.390   -10.305 1.00 33.73 ? 1  DG  A "O5'" 1 
ATOM   2   C "C5'" . DG  A 1 1 ? 8.313   5.261   -10.768 1.00 30.33 ? 1  DG  A "C5'" 1 
ATOM   3   C "C4'" . DG  A 1 1 ? 9.192   5.941   -9.741  1.00 27.86 ? 1  DG  A "C4'" 1 
ATOM   4   O "O4'" . DG  A 1 1 ? 8.896   7.347   -9.777  1.00 26.53 ? 1  DG  A "O4'" 1 
ATOM   5   C "C3'" . DG  A 1 1 ? 8.980   5.524   -8.297  1.00 27.58 ? 1  DG  A "C3'" 1 
ATOM   6   O "O3'" . DG  A 1 1 ? 9.762   4.372   -7.942  1.00 32.18 ? 1  DG  A "O3'" 1 
ATOM   7   C "C2'" . DG  A 1 1 ? 9.377   6.786   -7.551  1.00 25.32 ? 1  DG  A "C2'" 1 
ATOM   8   C "C1'" . DG  A 1 1 ? 8.756   7.842   -8.444  1.00 22.74 ? 1  DG  A "C1'" 1 
ATOM   9   N N9    . DG  A 1 1 ? 7.335   8.076   -8.171  1.00 20.56 ? 1  DG  A N9    1 
ATOM   10  C C8    . DG  A 1 1 ? 6.238   7.606   -8.846  1.00 19.70 ? 1  DG  A C8    1 
ATOM   11  N N7    . DG  A 1 1 ? 5.105   8.000   -8.322  1.00 19.61 ? 1  DG  A N7    1 
ATOM   12  C C5    . DG  A 1 1 ? 5.468   8.770   -7.230  1.00 18.38 ? 1  DG  A C5    1 
ATOM   13  C C6    . DG  A 1 1 ? 4.680   9.447   -6.282  1.00 17.89 ? 1  DG  A C6    1 
ATOM   14  O O6    . DG  A 1 1 ? 3.451   9.530   -6.200  1.00 18.92 ? 1  DG  A O6    1 
ATOM   15  N N1    . DG  A 1 1 ? 5.440   10.117  -5.334  1.00 16.78 ? 1  DG  A N1    1 
ATOM   16  C C2    . DG  A 1 1 ? 6.812   10.106  -5.307  1.00 19.71 ? 1  DG  A C2    1 
ATOM   17  N N2    . DG  A 1 1 ? 7.385   10.797  -4.304  1.00 19.39 ? 1  DG  A N2    1 
ATOM   18  N N3    . DG  A 1 1 ? 7.583   9.467   -6.189  1.00 19.76 ? 1  DG  A N3    1 
ATOM   19  C C4    . DG  A 1 1 ? 6.840   8.829   -7.120  1.00 19.97 ? 1  DG  A C4    1 
ATOM   20  P P     . DG  A 1 2 ? 9.293   3.251   -6.890  1.00 32.71 ? 2  DG  A P     1 
ATOM   21  O OP1   . DG  A 1 2 ? 10.294  2.148   -6.957  1.00 34.14 ? 2  DG  A OP1   1 
ATOM   22  O OP2   . DG  A 1 2 ? 7.874   2.850   -7.151  1.00 33.93 ? 2  DG  A OP2   1 
ATOM   23  O "O5'" . DG  A 1 2 ? 9.295   3.928   -5.448  1.00 28.22 ? 2  DG  A "O5'" 1 
ATOM   24  C "C5'" . DG  A 1 2 ? 10.537  4.424   -4.902  1.00 27.33 ? 2  DG  A "C5'" 1 
ATOM   25  C "C4'" . DG  A 1 2 ? 10.108  5.305   -3.748  1.00 26.65 ? 2  DG  A "C4'" 1 
ATOM   26  O "O4'" . DG  A 1 2 ? 9.281   6.354   -4.279  1.00 25.87 ? 2  DG  A "O4'" 1 
ATOM   27  C "C3'" . DG  A 1 2 ? 9.267   4.632   -2.690  1.00 26.65 ? 2  DG  A "C3'" 1 
ATOM   28  O "O3'" . DG  A 1 2 ? 10.033  3.926   -1.716  1.00 29.47 ? 2  DG  A "O3'" 1 
ATOM   29  C "C2'" . DG  A 1 2 ? 8.545   5.816   -2.082  1.00 26.81 ? 2  DG  A "C2'" 1 
ATOM   30  C "C1'" . DG  A 1 2 ? 8.326   6.721   -3.276  1.00 24.10 ? 2  DG  A "C1'" 1 
ATOM   31  N N9    . DG  A 1 2 ? 6.950   6.592   -3.792  1.00 21.21 ? 2  DG  A N9    1 
ATOM   32  C C8    . DG  A 1 2 ? 6.471   5.902   -4.865  1.00 21.75 ? 2  DG  A C8    1 
ATOM   33  N N7    . DG  A 1 2 ? 5.184   6.040   -5.032  1.00 21.84 ? 2  DG  A N7    1 
ATOM   34  C C5    . DG  A 1 2 ? 4.779   6.877   -3.999  1.00 20.29 ? 2  DG  A C5    1 
ATOM   35  C C6    . DG  A 1 2 ? 3.495   7.365   -3.665  1.00 20.01 ? 2  DG  A C6    1 
ATOM   36  O O6    . DG  A 1 2 ? 2.407   7.163   -4.232  1.00 19.77 ? 2  DG  A O6    1 
ATOM   37  N N1    . DG  A 1 2 ? 3.533   8.180   -2.525  1.00 20.18 ? 2  DG  A N1    1 
ATOM   38  C C2    . DG  A 1 2 ? 4.676   8.478   -1.823  1.00 20.01 ? 2  DG  A C2    1 
ATOM   39  N N2    . DG  A 1 2 ? 4.551   9.293   -0.770  1.00 18.17 ? 2  DG  A N2    1 
ATOM   40  N N3    . DG  A 1 2 ? 5.881   8.028   -2.130  1.00 20.27 ? 2  DG  A N3    1 
ATOM   41  C C4    . DG  A 1 2 ? 5.857   7.224   -3.224  1.00 20.76 ? 2  DG  A C4    1 
ATOM   42  P P     . DC  A 1 3 ? 9.373   2.739   -0.847  1.00 31.59 ? 3  DC  A P     1 
ATOM   43  O OP1   . DC  A 1 3 ? 10.591  2.126   -0.212  1.00 33.57 ? 3  DC  A OP1   1 
ATOM   44  O OP2   . DC  A 1 3 ? 8.510   1.874   -1.670  1.00 30.46 ? 3  DC  A OP2   1 
ATOM   45  O "O5'" . DC  A 1 3 ? 8.535   3.417   0.318   1.00 29.29 ? 3  DC  A "O5'" 1 
ATOM   46  C "C5'" . DC  A 1 3 ? 9.100   4.055   1.484   1.00 28.10 ? 3  DC  A "C5'" 1 
ATOM   47  C "C4'" . DC  A 1 3 ? 7.960   4.762   2.191   1.00 25.69 ? 3  DC  A "C4'" 1 
ATOM   48  O "O4'" . DC  A 1 3 ? 7.298   5.587   1.225   1.00 25.19 ? 3  DC  A "O4'" 1 
ATOM   49  C "C3'" . DC  A 1 3 ? 6.873   3.881   2.750   1.00 26.28 ? 3  DC  A "C3'" 1 
ATOM   50  O "O3'" . DC  A 1 3 ? 7.101   3.480   4.105   1.00 28.03 ? 3  DC  A "O3'" 1 
ATOM   51  C "C2'" . DC  A 1 3 ? 5.636   4.749   2.683   1.00 25.22 ? 3  DC  A "C2'" 1 
ATOM   52  C "C1'" . DC  A 1 3 ? 5.895   5.671   1.507   1.00 23.34 ? 3  DC  A "C1'" 1 
ATOM   53  N N1    . DC  A 1 3 ? 5.054   5.279   0.353   1.00 21.96 ? 3  DC  A N1    1 
ATOM   54  C C2    . DC  A 1 3 ? 3.723   5.738   0.361   1.00 20.35 ? 3  DC  A C2    1 
ATOM   55  O O2    . DC  A 1 3 ? 3.348   6.432   1.309   1.00 20.14 ? 3  DC  A O2    1 
ATOM   56  N N3    . DC  A 1 3 ? 2.905   5.410   -0.662  1.00 20.22 ? 3  DC  A N3    1 
ATOM   57  C C4    . DC  A 1 3 ? 3.351   4.655   -1.677  1.00 19.50 ? 3  DC  A C4    1 
ATOM   58  N N4    . DC  A 1 3 ? 2.494   4.377   -2.666  1.00 15.65 ? 3  DC  A N4    1 
ATOM   59  C C5    . DC  A 1 3 ? 4.693   4.172   -1.678  1.00 19.78 ? 3  DC  A C5    1 
ATOM   60  C C6    . DC  A 1 3 ? 5.502   4.498   -0.669  1.00 20.75 ? 3  DC  A C6    1 
ATOM   61  P P     . DC  A 1 4 ? 6.225   2.263   4.682   1.00 31.13 ? 4  DC  A P     1 
ATOM   62  O OP1   . DC  A 1 4 ? 6.817   2.152   6.070   1.00 34.01 ? 4  DC  A OP1   1 
ATOM   63  O OP2   . DC  A 1 4 ? 6.383   1.125   3.767   1.00 30.66 ? 4  DC  A OP2   1 
ATOM   64  O "O5'" . DC  A 1 4 ? 4.710   2.690   4.940   1.00 26.83 ? 4  DC  A "O5'" 1 
ATOM   65  C "C5'" . DC  A 1 4 ? 4.492   3.819   5.812   1.00 25.06 ? 4  DC  A "C5'" 1 
ATOM   66  C "C4'" . DC  A 1 4 ? 3.018   4.071   5.953   1.00 23.68 ? 4  DC  A "C4'" 1 
ATOM   67  O "O4'" . DC  A 1 4 ? 2.524   4.691   4.757   1.00 24.83 ? 4  DC  A "O4'" 1 
ATOM   68  C "C3'" . DC  A 1 4 ? 2.157   2.820   6.115   1.00 24.69 ? 4  DC  A "C3'" 1 
ATOM   69  O "O3'" . DC  A 1 4 ? 2.165   2.364   7.475   1.00 26.33 ? 4  DC  A "O3'" 1 
ATOM   70  C "C2'" . DC  A 1 4 ? 0.803   3.294   5.623   1.00 22.40 ? 4  DC  A "C2'" 1 
ATOM   71  C "C1'" . DC  A 1 4 ? 1.185   4.209   4.484   1.00 20.34 ? 4  DC  A "C1'" 1 
ATOM   72  N N1    . DC  A 1 4 ? 1.207   3.586   3.145   1.00 17.04 ? 4  DC  A N1    1 
ATOM   73  C C2    . DC  A 1 4 ? 0.028   3.657   2.396   1.00 16.00 ? 4  DC  A C2    1 
ATOM   74  O O2    . DC  A 1 4 ? -0.956  4.205   2.906   1.00 17.27 ? 4  DC  A O2    1 
ATOM   75  N N3    . DC  A 1 4 ? -0.008  3.133   1.157   1.00 15.49 ? 4  DC  A N3    1 
ATOM   76  C C4    . DC  A 1 4 ? 1.088   2.553   0.661   1.00 15.48 ? 4  DC  A C4    1 
ATOM   77  N N4    . DC  A 1 4 ? 0.981   2.054   -0.571  1.00 13.80 ? 4  DC  A N4    1 
ATOM   78  C C5    . DC  A 1 4 ? 2.299   2.479   1.406   1.00 16.20 ? 4  DC  A C5    1 
ATOM   79  C C6    . DC  A 1 4 ? 2.326   3.016   2.629   1.00 16.65 ? 4  DC  A C6    1 
ATOM   80  P P     . DG  A 1 5 ? 1.576   0.984   7.935   1.00 26.16 ? 5  DG  A P     1 
ATOM   81  O OP1   . DG  A 1 5 ? 1.869   0.920   9.403   1.00 28.86 ? 5  DG  A OP1   1 
ATOM   82  O OP2   . DG  A 1 5 ? 2.014   -0.183  7.143   1.00 26.10 ? 5  DG  A OP2   1 
ATOM   83  O "O5'" . DG  A 1 5 ? -0.008  1.144   7.738   1.00 24.63 ? 5  DG  A "O5'" 1 
ATOM   84  C "C5'" . DG  A 1 5 ? -0.738  -0.003  7.215   1.00 20.57 ? 5  DG  A "C5'" 1 
ATOM   85  C "C4'" . DG  A 1 5 ? -2.099  0.548   6.843   1.00 19.79 ? 5  DG  A "C4'" 1 
ATOM   86  O "O4'" . DG  A 1 5 ? -1.894  1.486   5.769   1.00 18.25 ? 5  DG  A "O4'" 1 
ATOM   87  C "C3'" . DG  A 1 5 ? -3.110  -0.463  6.340   1.00 20.61 ? 5  DG  A "C3'" 1 
ATOM   88  O "O3'" . DG  A 1 5 ? -3.892  -1.033  7.411   1.00 22.18 ? 5  DG  A "O3'" 1 
ATOM   89  C "C2'" . DG  A 1 5 ? -3.943  0.341   5.361   1.00 17.71 ? 5  DG  A "C2'" 1 
ATOM   90  C "C1'" . DG  A 1 5 ? -2.932  1.320   4.806   1.00 15.99 ? 5  DG  A "C1'" 1 
ATOM   91  N N9    . DG  A 1 5 ? -2.334  0.833   3.550   1.00 15.02 ? 5  DG  A N9    1 
ATOM   92  C C8    . DG  A 1 5 ? -1.046  0.416   3.298   1.00 14.76 ? 5  DG  A C8    1 
ATOM   93  N N7    . DG  A 1 5 ? -0.869  0.039   2.061   1.00 14.21 ? 5  DG  A N7    1 
ATOM   94  C C5    . DG  A 1 5 ? -2.107  0.229   1.448   1.00 12.35 ? 5  DG  A C5    1 
ATOM   95  C C6    . DG  A 1 5 ? -2.515  0.010   0.122   1.00 12.90 ? 5  DG  A C6    1 
ATOM   96  O O6    . DG  A 1 5 ? -1.833  -0.435  -0.819  1.00 13.96 ? 5  DG  A O6    1 
ATOM   97  N N1    . DG  A 1 5 ? -3.854  0.314   -0.060  1.00 13.20 ? 5  DG  A N1    1 
ATOM   98  C C2    . DG  A 1 5 ? -4.695  0.808   0.905   1.00 13.01 ? 5  DG  A C2    1 
ATOM   99  N N2    . DG  A 1 5 ? -5.966  1.067   0.568   1.00 12.32 ? 5  DG  A N2    1 
ATOM   100 N N3    . DG  A 1 5 ? -4.322  1.025   2.155   1.00 13.35 ? 5  DG  A N3    1 
ATOM   101 C C4    . DG  A 1 5 ? -3.024  0.709   2.355   1.00 13.47 ? 5  DG  A C4    1 
ATOM   102 P P     . DG  A 1 6 ? -4.439  -2.514  7.274   1.00 20.85 ? 6  DG  A P     1 
ATOM   103 O OP1   . DG  A 1 6 ? -5.155  -2.797  8.540   1.00 25.93 ? 6  DG  A OP1   1 
ATOM   104 O OP2   . DG  A 1 6 ? -3.346  -3.363  6.858   1.00 20.92 ? 6  DG  A OP2   1 
ATOM   105 O "O5'" . DG  A 1 6 ? -5.584  -2.379  6.191   1.00 21.85 ? 6  DG  A "O5'" 1 
ATOM   106 C "C5'" . DG  A 1 6 ? -6.727  -1.526  6.471   1.00 21.68 ? 6  DG  A "C5'" 1 
ATOM   107 C "C4'" . DG  A 1 6 ? -7.612  -1.653  5.248   1.00 21.83 ? 6  DG  A "C4'" 1 
ATOM   108 O "O4'" . DG  A 1 6 ? -6.970  -0.980  4.154   1.00 21.81 ? 6  DG  A "O4'" 1 
ATOM   109 C "C3'" . DG  A 1 6 ? -7.851  -3.054  4.721   1.00 21.62 ? 6  DG  A "C3'" 1 
ATOM   110 O "O3'" . DG  A 1 6 ? -8.836  -3.765  5.475   1.00 23.98 ? 6  DG  A "O3'" 1 
ATOM   111 C "C2'" . DG  A 1 6 ? -8.272  -2.758  3.285   1.00 19.86 ? 6  DG  A "C2'" 1 
ATOM   112 C "C1'" . DG  A 1 6 ? -7.288  -1.682  2.936   1.00 18.18 ? 6  DG  A "C1'" 1 
ATOM   113 N N9    . DG  A 1 6 ? -5.991  -2.139  2.405   1.00 16.67 ? 6  DG  A N9    1 
ATOM   114 C C8    . DG  A 1 6 ? -4.782  -2.309  3.037   1.00 15.28 ? 6  DG  A C8    1 
ATOM   115 N N7    . DG  A 1 6 ? -3.841  -2.734  2.238   1.00 15.57 ? 6  DG  A N7    1 
ATOM   116 C C5    . DG  A 1 6 ? -4.451  -2.848  0.994   1.00 14.70 ? 6  DG  A C5    1 
ATOM   117 C C6    . DG  A 1 6 ? -3.948  -3.250  -0.260  1.00 16.11 ? 6  DG  A C6    1 
ATOM   118 O O6    . DG  A 1 6 ? -2.784  -3.609  -0.557  1.00 17.88 ? 6  DG  A O6    1 
ATOM   119 N N1    . DG  A 1 6 ? -4.931  -3.245  -1.244  1.00 14.98 ? 6  DG  A N1    1 
ATOM   120 C C2    . DG  A 1 6 ? -6.230  -2.876  -1.044  1.00 17.25 ? 6  DG  A C2    1 
ATOM   121 N N2    . DG  A 1 6 ? -7.103  -2.891  -2.065  1.00 18.12 ? 6  DG  A N2    1 
ATOM   122 N N3    . DG  A 1 6 ? -6.716  -2.495  0.136   1.00 15.63 ? 6  DG  A N3    1 
ATOM   123 C C4    . DG  A 1 6 ? -5.770  -2.492  1.094   1.00 15.06 ? 6  DG  A C4    1 
ATOM   124 P P     . DC  A 1 7 ? -8.894  -5.363  5.633   1.00 24.26 ? 7  DC  A P     1 
ATOM   125 O OP1   . DC  A 1 7 ? -10.046 -5.597  6.514   1.00 23.52 ? 7  DC  A OP1   1 
ATOM   126 O OP2   . DC  A 1 7 ? -7.543  -5.904  5.919   1.00 24.65 ? 7  DC  A OP2   1 
ATOM   127 O "O5'" . DC  A 1 7 ? -9.320  -5.891  4.167   1.00 23.48 ? 7  DC  A "O5'" 1 
ATOM   128 C "C5'" . DC  A 1 7 ? -10.601 -5.550  3.588   1.00 20.19 ? 7  DC  A "C5'" 1 
ATOM   129 C "C4'" . DC  A 1 7 ? -10.534 -5.929  2.129   1.00 18.32 ? 7  DC  A "C4'" 1 
ATOM   130 O "O4'" . DC  A 1 7 ? -9.448  -5.223  1.500   1.00 17.50 ? 7  DC  A "O4'" 1 
ATOM   131 C "C3'" . DC  A 1 7 ? -10.224 -7.379  1.836   1.00 17.44 ? 7  DC  A "C3'" 1 
ATOM   132 O "O3'" . DC  A 1 7 ? -11.361 -8.223  2.051   1.00 20.66 ? 7  DC  A "O3'" 1 
ATOM   133 C "C2'" . DC  A 1 7 ? -9.776  -7.294  0.390   1.00 16.50 ? 7  DC  A "C2'" 1 
ATOM   134 C "C1'" . DC  A 1 7 ? -8.989  -6.011  0.376   1.00 14.92 ? 7  DC  A "C1'" 1 
ATOM   135 N N1    . DC  A 1 7 ? -7.533  -6.160  0.542   1.00 14.40 ? 7  DC  A N1    1 
ATOM   136 C C2    . DC  A 1 7 ? -6.758  -6.406  -0.588  1.00 13.71 ? 7  DC  A C2    1 
ATOM   137 O O2    . DC  A 1 7 ? -7.342  -6.541  -1.655  1.00 16.13 ? 7  DC  A O2    1 
ATOM   138 N N3    . DC  A 1 7 ? -5.416  -6.513  -0.465  1.00 15.48 ? 7  DC  A N3    1 
ATOM   139 C C4    . DC  A 1 7 ? -4.841  -6.389  0.737   1.00 14.13 ? 7  DC  A C4    1 
ATOM   140 N N4    . DC  A 1 7 ? -3.516  -6.525  0.797   1.00 13.54 ? 7  DC  A N4    1 
ATOM   141 C C5    . DC  A 1 7 ? -5.622  -6.125  1.899   1.00 13.34 ? 7  DC  A C5    1 
ATOM   142 C C6    . DC  A 1 7 ? -6.945  -6.016  1.762   1.00 13.71 ? 7  DC  A C6    1 
ATOM   143 P P     . DC  A 1 8 ? -11.143 -9.785  1.814   1.00 23.65 ? 8  DC  A P     1 
ATOM   144 O OP1   . DC  A 1 8 ? -12.491 -10.385 1.879   1.00 24.12 ? 8  DC  A OP1   1 
ATOM   145 O OP2   . DC  A 1 8 ? -10.042 -10.281 2.703   1.00 25.25 ? 8  DC  A OP2   1 
ATOM   146 O "O5'" . DC  A 1 8 ? -10.653 -10.106 0.369   1.00 24.42 ? 8  DC  A "O5'" 1 
ATOM   147 C "C5'" . DC  A 1 8 ? -11.450 -10.275 -0.820  1.00 26.41 ? 8  DC  A "C5'" 1 
ATOM   148 C "C4'" . DC  A 1 8 ? -10.527 -11.021 -1.773  1.00 27.86 ? 8  DC  A "C4'" 1 
ATOM   149 O "O4'" . DC  A 1 8 ? -9.336  -10.277 -2.018  1.00 26.74 ? 8  DC  A "O4'" 1 
ATOM   150 C "C3'" . DC  A 1 8 ? -10.117 -12.368 -1.201  1.00 29.29 ? 8  DC  A "C3'" 1 
ATOM   151 O "O3'" . DC  A 1 8 ? -10.972 -13.391 -1.767  1.00 33.70 ? 8  DC  A "O3'" 1 
ATOM   152 C "C2'" . DC  A 1 8 ? -8.663  -12.491 -1.541  1.00 27.65 ? 8  DC  A "C2'" 1 
ATOM   153 C "C1'" . DC  A 1 8 ? -8.230  -11.160 -2.122  1.00 24.46 ? 8  DC  A "C1'" 1 
ATOM   154 N N1    . DC  A 1 8 ? -7.052  -10.665 -1.379  1.00 23.34 ? 8  DC  A N1    1 
ATOM   155 C C2    . DC  A 1 8 ? -5.818  -10.649 -2.048  1.00 21.72 ? 8  DC  A C2    1 
ATOM   156 O O2    . DC  A 1 8 ? -5.818  -11.013 -3.223  1.00 22.27 ? 8  DC  A O2    1 
ATOM   157 N N3    . DC  A 1 8 ? -4.716  -10.235 -1.382  1.00 20.72 ? 8  DC  A N3    1 
ATOM   158 C C4    . DC  A 1 8 ? -4.805  -9.841  -0.108  1.00 19.85 ? 8  DC  A C4    1 
ATOM   159 N N4    . DC  A 1 8 ? -3.688  -9.420  0.496   1.00 19.51 ? 8  DC  A N4    1 
ATOM   160 C C5    . DC  A 1 8 ? -6.041  -9.854  0.593   1.00 19.37 ? 8  DC  A C5    1 
ATOM   161 C C6    . DC  A 1 8 ? -7.129  -10.267 -0.073  1.00 21.85 ? 8  DC  A C6    1 
HETATM 162 O O     . HOH B 2 . ? -6.087  1.997   3.360   1.00 31.70 ? 9  HOH A O     1 
HETATM 163 O O     . HOH B 2 . ? 1.189   8.468   -7.450  1.00 37.68 ? 10 HOH A O     1 
HETATM 164 O O     . HOH B 2 . ? -4.153  -9.099  3.420   1.00 20.89 ? 11 HOH A O     1 
HETATM 165 O O     . HOH B 2 . ? -15.353 -12.098 -1.467  1.00 29.53 ? 12 HOH A O     1 
HETATM 166 O O     . HOH B 2 . ? 2.733   7.065   -9.601  1.00 31.20 ? 13 HOH A O     1 
HETATM 167 O O     . HOH B 2 . ? -9.303  -6.937  -3.600  1.00 39.59 ? 14 HOH A O     1 
HETATM 168 O O     . HOH B 2 . ? 10.704  3.632   -11.411 1.00 55.22 ? 15 HOH A O     1 
HETATM 169 O O     . HOH B 2 . ? 8.297   10.912  -0.816  1.00 51.82 ? 16 HOH A O     1 
HETATM 170 O O     . HOH B 2 . ? 6.089   6.141   -12.759 1.00 36.27 ? 17 HOH A O     1 
HETATM 171 O O     . HOH B 2 . ? 11.026  2.465   -9.177  1.00 40.38 ? 18 HOH A O     1 
HETATM 172 O O     . HOH B 2 . ? 12.778  1.401   -6.136  1.00 49.30 ? 19 HOH A O     1 
HETATM 173 O O     . HOH B 2 . ? -0.053  -0.988  11.122  1.00 66.45 ? 20 HOH A O     1 
HETATM 174 O O     . HOH B 2 . ? -1.592  -3.480  2.814   1.00 51.57 ? 21 HOH A O     1 
HETATM 175 O O     . HOH B 2 . ? 1.311   -1.158  1.663   1.00 42.11 ? 22 HOH A O     1 
HETATM 176 O O     . HOH B 2 . ? -5.044  -5.684  5.455   1.00 45.20 ? 23 HOH A O     1 
HETATM 177 O O     . HOH B 2 . ? 0.479   -2.065  -1.028  1.00 41.95 ? 24 HOH A O     1 
HETATM 178 O O     . HOH B 2 . ? -0.024  -3.920  0.489   1.00 41.01 ? 25 HOH A O     1 
HETATM 179 O O     . HOH B 2 . ? 4.442   0.085   2.541   1.00 49.66 ? 26 HOH A O     1 
HETATM 180 O O     . HOH B 2 . ? 5.244   4.116   -8.199  1.00 42.40 ? 27 HOH A O     1 
HETATM 181 O O     . HOH B 2 . ? 4.398   6.370   -15.885 1.00 51.53 ? 28 HOH A O     1 
HETATM 182 O O     . HOH B 2 . ? 6.206   2.021   -10.641 1.00 66.61 ? 29 HOH A O     1 
HETATM 183 O O     . HOH B 2 . ? -5.237  -5.600  9.528   1.00 43.45 ? 30 HOH A O     1 
HETATM 184 O O     . HOH B 2 . ? 9.168   -0.846  3.761   1.00 87.62 ? 31 HOH A O     1 
HETATM 185 O O     . HOH B 2 . ? 5.963   1.046   0.547   1.00 43.51 ? 32 HOH A O     1 
HETATM 186 O O     . HOH B 2 . ? 7.211   9.417   1.122   1.00 41.86 ? 33 HOH A O     1 
HETATM 187 O O     . HOH B 2 . ? -0.055  -3.298  9.306   1.00 50.38 ? 34 HOH A O     1 
HETATM 188 O O     . HOH B 2 . ? -10.602 -15.116 0.853   1.00 54.22 ? 35 HOH A O     1 
HETATM 189 O O     . HOH B 2 . ? -12.105 -15.205 -3.578  1.00 58.06 ? 36 HOH A O     1 
HETATM 190 O O     . HOH B 2 . ? -13.873 -14.683 -0.912  1.00 43.62 ? 37 HOH A O     1 
HETATM 191 O O     . HOH B 2 . ? 4.349   3.320   10.022  1.00 50.02 ? 38 HOH A O     1 
HETATM 192 O O     . HOH B 2 . ? -12.985 -13.514 2.026   1.00 39.24 ? 39 HOH A O     1 
HETATM 193 O O     . HOH B 2 . ? 8.343   -2.444  0.726   1.00 64.54 ? 40 HOH A O     1 
HETATM 194 O O     . HOH B 2 . ? 0.206   -2.570  4.531   1.00 52.78 ? 41 HOH A O     1 
HETATM 195 O O     . HOH B 2 . ? 2.790   2.571   -4.402  1.00 50.76 ? 42 HOH A O     1 
HETATM 196 O O     . HOH B 2 . ? 4.618   7.907   -12.021 1.00 77.58 ? 43 HOH A O     1 
HETATM 197 O O     . HOH B 2 . ? 6.994   1.045   -3.915  1.00 67.51 ? 44 HOH A O     1 
HETATM 198 O O     . HOH B 2 . ? 4.069   1.485   -1.300  1.00 54.39 ? 45 HOH A O     1 
HETATM 199 O O     . HOH B 2 . ? -16.212 -14.805 0.411   1.00 54.92 ? 46 HOH A O     1 
HETATM 200 O O     . HOH B 2 . ? 5.145   -0.652  9.185   1.00 83.18 ? 47 HOH A O     1 
HETATM 201 O O     . HOH B 2 . ? 8.100   1.717   8.172   1.00 66.67 ? 48 HOH A O     1 
# 
